data_5DYX
#
_entry.id   5DYX
#
_cell.length_a   81.129
_cell.length_b   96.236
_cell.length_c   57.783
_cell.angle_alpha   90.000
_cell.angle_beta   90.000
_cell.angle_gamma   90.000
#
_symmetry.space_group_name_H-M   'C 2 2 21'
#
loop_
_entity.id
_entity.type
_entity.pdbx_description
1 polymer 'Bromodomain adjacent to zinc finger domain protein 2B'
2 non-polymer ADENINE
3 water water
#
_entity_poly.entity_id   1
_entity_poly.type   'polypeptide(L)'
_entity_poly.pdbx_seq_one_letter_code
;SMSVKKPKRDDSKDLALCSMILTEMETHEDAWPFLLPVNLKLVPGYKKVIKKPMDFSTIREKLSSGQYPNLETFALDVRL
VFDNCETFNEDDSDIGRAGHNMRKYFEKKWTDTFKV
;
_entity_poly.pdbx_strand_id   A
#
# COMPACT_ATOMS: atom_id res chain seq x y z
N SER A 1 14.98 -11.08 24.61
CA SER A 1 14.29 -12.19 25.26
C SER A 1 13.66 -11.74 26.56
N MET A 2 13.22 -12.69 27.38
CA MET A 2 12.53 -12.35 28.63
C MET A 2 13.35 -11.40 29.51
N SER A 3 12.79 -10.22 29.76
CA SER A 3 13.43 -9.18 30.57
C SER A 3 14.73 -8.65 29.95
N VAL A 4 14.89 -8.88 28.65
CA VAL A 4 16.03 -8.28 27.94
C VAL A 4 15.42 -7.33 26.97
N LYS A 5 15.23 -6.09 27.46
CA LYS A 5 14.52 -5.05 26.74
C LYS A 5 15.39 -4.47 25.64
N LYS A 6 14.95 -4.65 24.41
CA LYS A 6 15.66 -4.10 23.29
C LYS A 6 15.16 -2.68 23.06
N PRO A 7 16.08 -1.71 22.92
CA PRO A 7 15.63 -0.33 22.67
C PRO A 7 14.86 -0.29 21.37
N LYS A 8 13.66 0.30 21.39
CA LYS A 8 12.83 0.35 20.19
C LYS A 8 12.46 1.79 19.86
N ARG A 9 12.30 2.06 18.57
CA ARG A 9 11.96 3.39 18.09
C ARG A 9 10.65 3.89 18.69
N ASP A 10 10.52 5.22 18.72
CA ASP A 10 9.26 5.85 19.07
C ASP A 10 8.24 5.63 17.95
N ASP A 11 7.17 4.92 18.26
CA ASP A 11 6.17 4.57 17.25
C ASP A 11 4.88 5.37 17.40
N SER A 12 4.93 6.42 18.22
CA SER A 12 3.73 7.19 18.56
C SER A 12 3.17 8.00 17.40
N LYS A 13 4.01 8.34 16.42
CA LYS A 13 3.56 9.15 15.29
C LYS A 13 3.25 8.30 14.05
N ASP A 14 3.42 6.99 14.15
CA ASP A 14 3.29 6.11 12.97
C ASP A 14 1.93 6.17 12.30
N LEU A 15 0.86 6.18 13.09
CA LEU A 15 -0.49 6.18 12.53
C LEU A 15 -0.69 7.44 11.67
N ALA A 16 -0.34 8.58 12.24
CA ALA A 16 -0.42 9.88 11.54
C ALA A 16 0.46 9.93 10.29
N LEU A 17 1.69 9.45 10.42
CA LEU A 17 2.63 9.46 9.29
C LEU A 17 2.18 8.53 8.17
N CYS A 18 1.63 7.37 8.52
CA CYS A 18 1.13 6.45 7.50
C CYS A 18 -0.08 7.04 6.78
N SER A 19 -0.92 7.72 7.55
CA SER A 19 -2.07 8.41 6.96
C SER A 19 -1.62 9.52 6.02
N MET A 20 -0.57 10.24 6.40
CA MET A 20 -0.02 11.28 5.55
C MET A 20 0.51 10.70 4.23
N ILE A 21 1.28 9.63 4.33
CA ILE A 21 1.82 8.95 3.15
C ILE A 21 0.69 8.45 2.26
N LEU A 22 -0.32 7.85 2.87
CA LEU A 22 -1.44 7.34 2.11
C LEU A 22 -2.19 8.45 1.38
N THR A 23 -2.34 9.61 2.03
CA THR A 23 -2.98 10.76 1.40
C THR A 23 -2.22 11.20 0.14
N GLU A 24 -0.89 11.24 0.24
CA GLU A 24 -0.08 11.62 -0.92
C GLU A 24 -0.23 10.61 -2.04
N MET A 25 -0.35 9.34 -1.68
CA MET A 25 -0.63 8.30 -2.68
C MET A 25 -1.96 8.52 -3.37
N GLU A 26 -3.00 8.76 -2.56
CA GLU A 26 -4.35 8.96 -3.08
C GLU A 26 -4.44 10.13 -4.04
N THR A 27 -3.59 11.14 -3.86
CA THR A 27 -3.68 12.36 -4.66
C THR A 27 -2.70 12.39 -5.84
N HIS A 28 -1.87 11.36 -5.95
CA HIS A 28 -0.97 11.22 -7.09
C HIS A 28 -1.79 11.06 -8.36
N GLU A 29 -1.35 11.67 -9.45
CA GLU A 29 -2.16 11.65 -10.66
C GLU A 29 -2.26 10.24 -11.25
N ASP A 30 -1.29 9.38 -10.92
CA ASP A 30 -1.30 8.00 -11.41
C ASP A 30 -1.95 7.04 -10.42
N ALA A 31 -2.68 7.55 -9.44
CA ALA A 31 -3.32 6.68 -8.43
C ALA A 31 -4.61 6.05 -8.92
N TRP A 32 -5.15 6.54 -10.05
CA TRP A 32 -6.49 6.13 -10.48
C TRP A 32 -6.74 4.62 -10.60
N PRO A 33 -5.73 3.81 -10.99
CA PRO A 33 -6.06 2.37 -11.05
C PRO A 33 -6.23 1.72 -9.68
N PHE A 34 -5.90 2.45 -8.62
CA PHE A 34 -5.74 1.86 -7.28
C PHE A 34 -6.63 2.49 -6.23
N LEU A 35 -7.49 3.42 -6.62
CA LEU A 35 -8.28 4.17 -5.64
C LEU A 35 -9.39 3.32 -5.06
N LEU A 36 -9.95 2.43 -5.88
CA LEU A 36 -11.07 1.57 -5.49
C LEU A 36 -10.77 0.12 -5.78
N PRO A 37 -11.48 -0.82 -5.13
CA PRO A 37 -11.25 -2.22 -5.45
C PRO A 37 -11.50 -2.51 -6.93
N VAL A 38 -10.70 -3.39 -7.51
CA VAL A 38 -10.98 -3.88 -8.85
C VAL A 38 -12.34 -4.56 -8.83
N ASN A 39 -13.17 -4.25 -9.83
CA ASN A 39 -14.52 -4.81 -9.91
C ASN A 39 -14.49 -6.26 -10.35
N LEU A 40 -14.68 -7.18 -9.41
CA LEU A 40 -14.50 -8.61 -9.67
C LEU A 40 -15.55 -9.17 -10.62
N LYS A 41 -16.60 -8.39 -10.91
CA LYS A 41 -17.62 -8.84 -11.84
C LYS A 41 -17.48 -8.23 -13.22
N LEU A 42 -16.63 -7.23 -13.36
CA LEU A 42 -16.43 -6.61 -14.65
C LEU A 42 -15.05 -6.90 -15.21
N VAL A 43 -14.18 -7.49 -14.40
CA VAL A 43 -12.82 -7.75 -14.86
C VAL A 43 -12.56 -9.25 -14.85
N PRO A 44 -12.61 -9.86 -16.05
CA PRO A 44 -12.43 -11.31 -16.20
C PRO A 44 -11.06 -11.74 -15.74
N GLY A 45 -11.02 -12.81 -14.97
CA GLY A 45 -9.76 -13.39 -14.52
C GLY A 45 -9.32 -12.89 -13.16
N TYR A 46 -9.77 -11.69 -12.78
CA TYR A 46 -9.16 -11.05 -11.62
C TYR A 46 -9.37 -11.82 -10.33
N LYS A 47 -10.60 -12.26 -10.09
CA LYS A 47 -10.93 -12.94 -8.84
C LYS A 47 -10.12 -14.23 -8.67
N LYS A 48 -10.00 -15.00 -9.75
CA LYS A 48 -9.29 -16.28 -9.70
C LYS A 48 -7.78 -16.12 -9.56
N VAL A 49 -7.24 -15.15 -10.28
CA VAL A 49 -5.79 -14.97 -10.38
C VAL A 49 -5.22 -14.25 -9.15
N ILE A 50 -5.93 -13.23 -8.67
CA ILE A 50 -5.40 -12.38 -7.60
C ILE A 50 -6.00 -12.78 -6.27
N LYS A 51 -5.23 -13.53 -5.48
CA LYS A 51 -5.77 -14.17 -4.29
C LYS A 51 -6.03 -13.19 -3.14
N LYS A 52 -5.30 -12.09 -3.09
CA LYS A 52 -5.55 -11.08 -2.06
C LYS A 52 -5.61 -9.68 -2.68
N PRO A 53 -6.78 -9.28 -3.17
CA PRO A 53 -6.97 -7.94 -3.72
C PRO A 53 -6.77 -6.87 -2.67
N MET A 54 -6.22 -5.75 -3.09
CA MET A 54 -6.01 -4.64 -2.17
C MET A 54 -6.01 -3.35 -2.97
N ASP A 55 -6.42 -2.25 -2.35
CA ASP A 55 -6.51 -0.96 -3.03
C ASP A 55 -6.45 0.13 -1.98
N PHE A 56 -6.23 1.37 -2.39
CA PHE A 56 -6.00 2.45 -1.43
C PHE A 56 -7.20 2.65 -0.51
N SER A 57 -8.41 2.50 -1.03
CA SER A 57 -9.59 2.77 -0.20
C SER A 57 -9.73 1.73 0.92
N THR A 58 -9.34 0.49 0.62
CA THR A 58 -9.40 -0.58 1.61
C THR A 58 -8.32 -0.35 2.67
N ILE A 59 -7.13 0.07 2.22
CA ILE A 59 -6.08 0.46 3.17
C ILE A 59 -6.51 1.62 4.04
N ARG A 60 -7.16 2.62 3.44
CA ARG A 60 -7.63 3.78 4.19
C ARG A 60 -8.63 3.37 5.27
N GLU A 61 -9.52 2.44 4.93
CA GLU A 61 -10.51 1.94 5.87
C GLU A 61 -9.87 1.15 7.01
N LYS A 62 -8.95 0.26 6.68
CA LYS A 62 -8.22 -0.50 7.69
C LYS A 62 -7.37 0.41 8.58
N LEU A 63 -6.73 1.41 8.00
CA LEU A 63 -5.93 2.36 8.79
C LEU A 63 -6.81 3.13 9.78
N SER A 64 -7.99 3.54 9.32
CA SER A 64 -8.89 4.36 10.11
C SER A 64 -9.62 3.58 11.20
N SER A 65 -9.53 2.26 11.16
CA SER A 65 -10.32 1.43 12.07
C SER A 65 -9.42 0.50 12.87
N GLY A 66 -8.14 0.88 12.98
CA GLY A 66 -7.19 0.17 13.83
C GLY A 66 -6.88 -1.25 13.42
N GLN A 67 -6.90 -1.53 12.12
CA GLN A 67 -6.66 -2.89 11.65
C GLN A 67 -5.21 -3.17 11.23
N TYR A 68 -4.33 -2.16 11.32
CA TYR A 68 -2.89 -2.39 11.20
C TYR A 68 -2.23 -2.38 12.58
N PRO A 69 -1.67 -3.53 12.98
CA PRO A 69 -0.99 -3.66 14.27
C PRO A 69 0.26 -2.76 14.35
N ASN A 70 0.94 -2.59 13.23
CA ASN A 70 2.18 -1.82 13.20
C ASN A 70 2.42 -1.26 11.80
N LEU A 71 3.45 -0.43 11.64
CA LEU A 71 3.67 0.19 10.34
C LEU A 71 4.08 -0.82 9.27
N GLU A 72 4.68 -1.94 9.67
CA GLU A 72 5.11 -2.91 8.68
C GLU A 72 3.94 -3.63 8.01
N THR A 73 2.85 -3.83 8.74
CA THR A 73 1.68 -4.45 8.14
C THR A 73 0.99 -3.48 7.18
N PHE A 74 1.10 -2.18 7.46
CA PHE A 74 0.61 -1.16 6.55
C PHE A 74 1.41 -1.22 5.23
N ALA A 75 2.74 -1.22 5.34
CA ALA A 75 3.59 -1.28 4.14
C ALA A 75 3.36 -2.55 3.32
N LEU A 76 3.05 -3.65 3.99
CA LEU A 76 2.75 -4.90 3.28
C LEU A 76 1.52 -4.76 2.39
N ASP A 77 0.47 -4.14 2.90
CA ASP A 77 -0.74 -3.94 2.10
C ASP A 77 -0.49 -2.95 0.96
N VAL A 78 0.30 -1.91 1.19
CA VAL A 78 0.59 -0.99 0.10
C VAL A 78 1.35 -1.74 -1.00
N ARG A 79 2.36 -2.51 -0.60
CA ARG A 79 3.15 -3.25 -1.58
C ARG A 79 2.32 -4.30 -2.30
N LEU A 80 1.34 -4.88 -1.60
CA LEU A 80 0.43 -5.85 -2.18
C LEU A 80 -0.33 -5.24 -3.36
N VAL A 81 -0.76 -4.00 -3.20
CA VAL A 81 -1.41 -3.28 -4.29
C VAL A 81 -0.56 -3.30 -5.57
N PHE A 82 0.73 -3.04 -5.42
CA PHE A 82 1.58 -2.94 -6.61
C PHE A 82 2.03 -4.32 -7.09
N ASP A 83 2.12 -5.28 -6.17
CA ASP A 83 2.46 -6.66 -6.58
C ASP A 83 1.30 -7.29 -7.34
N ASN A 84 0.08 -7.02 -6.91
CA ASN A 84 -1.10 -7.46 -7.65
C ASN A 84 -1.13 -6.85 -9.04
N CYS A 85 -0.84 -5.56 -9.12
CA CYS A 85 -0.87 -4.83 -10.39
C CYS A 85 0.13 -5.42 -11.38
N GLU A 86 1.34 -5.73 -10.89
CA GLU A 86 2.35 -6.37 -11.73
C GLU A 86 1.94 -7.75 -12.21
N THR A 87 1.26 -8.49 -11.35
CA THR A 87 0.79 -9.83 -11.67
C THR A 87 -0.20 -9.79 -12.84
N PHE A 88 -1.09 -8.81 -12.82
CA PHE A 88 -2.20 -8.79 -13.76
C PHE A 88 -2.00 -7.92 -14.99
N ASN A 89 -1.02 -7.01 -14.96
CA ASN A 89 -0.86 -6.03 -16.02
C ASN A 89 0.52 -6.04 -16.65
N GLU A 90 0.56 -5.90 -17.97
CA GLU A 90 1.81 -5.73 -18.69
C GLU A 90 2.53 -4.46 -18.24
N ASP A 91 3.86 -4.52 -18.15
CA ASP A 91 4.67 -3.34 -17.83
C ASP A 91 4.41 -2.20 -18.81
N ASP A 92 4.35 -2.54 -20.09
CA ASP A 92 4.11 -1.59 -21.16
C ASP A 92 2.60 -1.41 -21.36
N SER A 93 1.93 -1.04 -20.28
CA SER A 93 0.53 -0.67 -20.33
C SER A 93 0.36 0.51 -19.41
N ASP A 94 -0.73 1.24 -19.55
CA ASP A 94 -0.93 2.42 -18.71
C ASP A 94 -1.03 2.07 -17.24
N ILE A 95 -1.79 1.02 -16.93
CA ILE A 95 -1.96 0.60 -15.54
C ILE A 95 -0.65 0.02 -15.02
N GLY A 96 0.01 -0.79 -15.85
CA GLY A 96 1.31 -1.33 -15.52
C GLY A 96 2.33 -0.26 -15.17
N ARG A 97 2.41 0.77 -16.03
CA ARG A 97 3.33 1.88 -15.80
C ARG A 97 2.95 2.64 -14.53
N ALA A 98 1.64 2.83 -14.33
CA ALA A 98 1.14 3.52 -13.15
C ALA A 98 1.62 2.81 -11.88
N GLY A 99 1.56 1.49 -11.90
CA GLY A 99 1.97 0.71 -10.75
C GLY A 99 3.44 0.87 -10.41
N HIS A 100 4.31 0.76 -11.41
CA HIS A 100 5.74 0.96 -11.17
C HIS A 100 6.00 2.35 -10.62
N ASN A 101 5.39 3.36 -11.23
CA ASN A 101 5.53 4.75 -10.78
C ASN A 101 5.11 4.93 -9.32
N MET A 102 3.97 4.33 -8.97
CA MET A 102 3.44 4.51 -7.61
C MET A 102 4.26 3.75 -6.59
N ARG A 103 4.82 2.61 -7.00
CA ARG A 103 5.65 1.84 -6.09
C ARG A 103 6.91 2.63 -5.74
N LYS A 104 7.52 3.19 -6.77
CA LYS A 104 8.71 4.03 -6.60
C LYS A 104 8.40 5.20 -5.68
N TYR A 105 7.27 5.85 -5.95
CA TYR A 105 6.82 6.99 -5.17
C TYR A 105 6.64 6.61 -3.69
N PHE A 106 6.00 5.47 -3.44
CA PHE A 106 5.79 5.00 -2.06
C PHE A 106 7.10 4.71 -1.34
N GLU A 107 7.99 3.98 -2.02
CA GLU A 107 9.18 3.48 -1.33
C GLU A 107 10.11 4.62 -0.94
N LYS A 108 10.17 5.68 -1.73
CA LYS A 108 10.96 6.85 -1.33
C LYS A 108 10.35 7.54 -0.12
N LYS A 109 9.01 7.67 -0.12
CA LYS A 109 8.36 8.32 1.00
C LYS A 109 8.51 7.47 2.24
N TRP A 110 8.52 6.16 2.06
CA TRP A 110 8.68 5.25 3.18
C TRP A 110 10.06 5.39 3.80
N THR A 111 11.09 5.38 2.94
CA THR A 111 12.46 5.56 3.41
C THR A 111 12.66 6.92 4.06
N ASP A 112 12.19 7.97 3.41
CA ASP A 112 12.36 9.33 3.93
C ASP A 112 11.62 9.59 5.24
N THR A 113 10.51 8.89 5.44
CA THR A 113 9.67 9.14 6.61
C THR A 113 10.11 8.33 7.83
N PHE A 114 10.63 7.12 7.63
CA PHE A 114 10.88 6.24 8.76
C PHE A 114 12.33 5.77 8.90
N LYS A 115 13.07 5.79 7.79
CA LYS A 115 14.46 5.34 7.83
C LYS A 115 15.37 6.54 8.02
N VAL A 116 15.82 6.76 9.26
CA VAL A 116 16.63 7.91 9.64
C VAL A 116 15.92 9.23 9.32
#